data_7Q1X
#
_entry.id   7Q1X
#
_cell.length_a   89.279
_cell.length_b   103.047
_cell.length_c   65.244
_cell.angle_alpha   90.000
_cell.angle_beta   90.000
_cell.angle_gamma   90.000
#
_symmetry.space_group_name_H-M   'P 21 21 2'
#
loop_
_entity.id
_entity.type
_entity.pdbx_description
1 polymer 'Aminoglycoside N(3)-acetyltransferase III'
2 non-polymer GLYCEROL
3 non-polymer DI(HYDROXYETHYL)ETHER
4 non-polymer NEOMYCIN
5 non-polymer 'CHLORIDE ION'
6 water water
#
_entity_poly.entity_id   1
_entity_poly.type   'polypeptide(L)'
_entity_poly.pdbx_seq_one_letter_code
;HHHHHHSSGLVPRGSHMTDLNIPHTHAHLVDAFQALGIRAGQALMLHASVKAVGAVMGGPNVILQALMDALTPDGTLMMY
AGWQDIPDFIDSLPDALKAVYLEQHPPFDPATARAVRENSVLAEFLRTWPCVHRSANPEASMVAVGRQAALLTANHALDY
GYGVESPLAKLVAIEGYVLMLGAPLDTITLLHHAEYLAKMRHKNVVRYPCPILRDGRKVWVTVEDYDTGDPHDDYSFEQI
ARDYVAQGGGTRGKVGDADAYLFAAQDLTRFAVQWLESRFGDSASYG
;
_entity_poly.pdbx_strand_id   A,B
#
# COMPACT_ATOMS: atom_id res chain seq x y z
N MET A 17 6.36 8.91 -18.30
CA MET A 17 5.53 9.20 -19.46
C MET A 17 4.40 10.19 -19.15
N THR A 18 4.58 10.96 -18.08
CA THR A 18 3.67 12.04 -17.72
C THR A 18 4.49 13.21 -17.21
N ASP A 19 4.26 14.40 -17.76
CA ASP A 19 5.06 15.57 -17.46
C ASP A 19 4.53 16.29 -16.23
N LEU A 20 5.44 17.01 -15.56
CA LEU A 20 5.09 17.81 -14.40
C LEU A 20 4.47 19.14 -14.84
N ASN A 21 3.51 19.62 -14.06
CA ASN A 21 2.69 20.76 -14.44
C ASN A 21 3.25 22.07 -13.89
N ILE A 22 2.66 23.17 -14.35
CA ILE A 22 2.95 24.51 -13.83
C ILE A 22 2.69 24.51 -12.33
N PRO A 23 3.56 25.12 -11.50
CA PRO A 23 3.43 24.93 -10.05
C PRO A 23 2.12 25.47 -9.48
N HIS A 24 1.53 24.68 -8.59
CA HIS A 24 0.29 25.08 -7.93
C HIS A 24 0.53 26.30 -7.05
N THR A 25 -0.40 27.25 -7.08
CA THR A 25 -0.24 28.45 -6.25
C THR A 25 -0.88 28.27 -4.88
N HIS A 26 -0.39 29.09 -3.94
CA HIS A 26 -1.03 29.23 -2.63
C HIS A 26 -2.56 29.39 -2.77
N ALA A 27 -3.01 30.31 -3.62
CA ALA A 27 -4.44 30.58 -3.72
C ALA A 27 -5.18 29.37 -4.26
N HIS A 28 -4.60 28.63 -5.20
N HIS A 28 -4.59 28.66 -5.23
CA HIS A 28 -5.30 27.47 -5.74
CA HIS A 28 -5.20 27.46 -5.78
C HIS A 28 -5.31 26.29 -4.78
C HIS A 28 -5.36 26.38 -4.71
N LEU A 29 -4.35 26.22 -3.86
CA LEU A 29 -4.41 25.21 -2.82
C LEU A 29 -5.46 25.58 -1.76
N VAL A 30 -5.53 26.86 -1.37
CA VAL A 30 -6.58 27.28 -0.45
C VAL A 30 -7.96 26.95 -1.02
N ASP A 31 -8.17 27.26 -2.30
CA ASP A 31 -9.45 26.96 -2.93
C ASP A 31 -9.74 25.47 -2.89
N ALA A 32 -8.72 24.63 -3.10
CA ALA A 32 -8.95 23.19 -3.13
C ALA A 32 -9.23 22.65 -1.75
N PHE A 33 -8.53 23.15 -0.73
CA PHE A 33 -8.85 22.78 0.65
C PHE A 33 -10.28 23.17 1.01
N GLN A 34 -10.69 24.39 0.64
CA GLN A 34 -12.05 24.81 0.97
C GLN A 34 -13.08 23.98 0.23
N ALA A 35 -12.81 23.61 -1.03
CA ALA A 35 -13.73 22.77 -1.77
C ALA A 35 -13.87 21.38 -1.14
N LEU A 36 -12.80 20.87 -0.53
CA LEU A 36 -12.84 19.55 0.13
C LEU A 36 -13.67 19.59 1.40
N GLY A 37 -13.82 20.75 2.02
CA GLY A 37 -14.58 20.88 3.24
C GLY A 37 -13.79 21.41 4.43
N ILE A 38 -12.57 21.89 4.21
CA ILE A 38 -11.83 22.53 5.31
C ILE A 38 -12.48 23.85 5.65
N ARG A 39 -12.76 24.06 6.94
CA ARG A 39 -13.45 25.24 7.42
C ARG A 39 -12.65 25.94 8.48
N ALA A 40 -12.90 27.24 8.63
CA ALA A 40 -12.21 28.03 9.63
C ALA A 40 -12.43 27.45 11.02
N GLY A 41 -11.35 27.37 11.80
CA GLY A 41 -11.44 26.95 13.18
C GLY A 41 -11.34 25.46 13.41
N GLN A 42 -11.28 24.66 12.37
CA GLN A 42 -11.20 23.21 12.57
C GLN A 42 -9.83 22.83 13.15
N ALA A 43 -9.82 21.68 13.83
CA ALA A 43 -8.56 21.07 14.26
C ALA A 43 -8.34 19.83 13.39
N LEU A 44 -7.19 19.78 12.73
CA LEU A 44 -6.94 18.83 11.66
C LEU A 44 -5.61 18.11 11.90
N MET A 45 -5.60 16.81 11.69
CA MET A 45 -4.33 16.09 11.63
C MET A 45 -4.09 15.68 10.19
N LEU A 46 -2.90 15.99 9.69
CA LEU A 46 -2.58 15.87 8.28
C LEU A 46 -1.62 14.71 8.04
N HIS A 47 -1.93 13.87 7.07
CA HIS A 47 -1.02 12.88 6.51
C HIS A 47 -0.84 13.20 5.03
N ALA A 48 0.39 13.43 4.60
CA ALA A 48 0.61 13.95 3.27
C ALA A 48 1.79 13.26 2.61
N SER A 49 1.72 13.15 1.29
CA SER A 49 2.87 12.86 0.45
C SER A 49 3.11 14.10 -0.41
N VAL A 50 4.22 14.79 -0.18
CA VAL A 50 4.48 16.01 -0.93
C VAL A 50 4.60 15.73 -2.42
N LYS A 51 5.23 14.60 -2.77
CA LYS A 51 5.38 14.24 -4.18
C LYS A 51 4.01 14.15 -4.87
N ALA A 52 3.03 13.56 -4.17
CA ALA A 52 1.70 13.35 -4.74
C ALA A 52 1.03 14.67 -5.10
N VAL A 53 1.31 15.73 -4.34
CA VAL A 53 0.67 17.03 -4.60
C VAL A 53 1.19 17.65 -5.88
N GLY A 54 2.46 17.37 -6.24
CA GLY A 54 3.04 17.95 -7.43
C GLY A 54 3.71 19.26 -7.11
N ALA A 55 4.35 19.85 -8.14
CA ALA A 55 5.11 21.06 -7.97
C ALA A 55 4.24 22.17 -7.38
N VAL A 56 4.74 22.83 -6.34
CA VAL A 56 4.05 23.93 -5.69
C VAL A 56 4.91 25.19 -5.79
N MET A 57 4.30 26.31 -6.15
CA MET A 57 5.01 27.59 -6.32
C MET A 57 5.49 28.11 -4.96
N GLY A 58 6.78 27.95 -4.67
CA GLY A 58 7.29 28.28 -3.35
C GLY A 58 7.66 27.09 -2.52
N GLY A 59 7.41 25.87 -3.00
CA GLY A 59 7.83 24.68 -2.32
C GLY A 59 6.84 24.17 -1.28
N PRO A 60 7.22 23.09 -0.60
CA PRO A 60 6.27 22.40 0.28
C PRO A 60 5.72 23.25 1.40
N ASN A 61 6.46 24.26 1.87
CA ASN A 61 5.92 25.06 2.96
C ASN A 61 4.64 25.75 2.54
N VAL A 62 4.48 26.01 1.24
CA VAL A 62 3.26 26.67 0.77
C VAL A 62 2.04 25.78 0.98
N ILE A 63 2.20 24.45 0.92
CA ILE A 63 1.09 23.56 1.25
C ILE A 63 0.61 23.84 2.67
N LEU A 64 1.55 23.95 3.61
CA LEU A 64 1.19 24.22 5.01
C LEU A 64 0.61 25.61 5.16
N GLN A 65 1.19 26.60 4.48
CA GLN A 65 0.68 27.97 4.59
C GLN A 65 -0.74 28.06 4.04
N ALA A 66 -1.00 27.39 2.92
CA ALA A 66 -2.36 27.39 2.36
C ALA A 66 -3.33 26.70 3.29
N LEU A 67 -2.94 25.57 3.87
CA LEU A 67 -3.84 24.85 4.78
C LEU A 67 -4.15 25.69 6.02
N MET A 68 -3.12 26.31 6.63
CA MET A 68 -3.37 27.21 7.75
C MET A 68 -4.18 28.45 7.35
N ASP A 69 -4.05 28.91 6.11
CA ASP A 69 -4.91 30.01 5.65
C ASP A 69 -6.38 29.56 5.63
N ALA A 70 -6.64 28.34 5.14
CA ALA A 70 -8.00 27.83 5.14
C ALA A 70 -8.52 27.60 6.55
N LEU A 71 -7.65 27.17 7.46
CA LEU A 71 -8.05 26.94 8.85
C LEU A 71 -8.15 28.24 9.65
N THR A 72 -7.40 29.28 9.25
CA THR A 72 -7.23 30.57 9.95
C THR A 72 -6.44 30.35 11.24
N PRO A 73 -5.96 31.42 11.87
CA PRO A 73 -5.31 31.27 13.19
C PRO A 73 -6.22 30.66 14.24
N ASP A 74 -7.54 30.66 14.03
CA ASP A 74 -8.42 30.00 14.99
C ASP A 74 -8.46 28.49 14.81
N GLY A 75 -7.88 27.97 13.72
CA GLY A 75 -7.77 26.54 13.53
C GLY A 75 -6.42 26.00 14.01
N THR A 76 -6.28 24.67 13.89
CA THR A 76 -5.13 23.96 14.42
C THR A 76 -4.73 22.87 13.44
N LEU A 77 -3.41 22.71 13.22
CA LEU A 77 -2.90 21.67 12.33
C LEU A 77 -1.89 20.83 13.09
N MET A 78 -2.06 19.51 13.05
CA MET A 78 -1.20 18.56 13.76
C MET A 78 -0.68 17.50 12.79
N MET A 79 0.55 17.05 13.01
CA MET A 79 1.13 15.96 12.24
C MET A 79 1.88 15.01 13.16
N TYR A 80 1.99 13.75 12.72
CA TYR A 80 2.79 12.77 13.44
C TYR A 80 4.26 13.01 13.14
N ALA A 81 5.08 13.11 14.17
CA ALA A 81 6.52 13.26 13.99
C ALA A 81 7.29 12.03 14.43
N GLY A 82 6.95 11.45 15.57
CA GLY A 82 7.73 10.35 16.09
C GLY A 82 9.15 10.81 16.34
N TRP A 83 10.10 9.86 16.23
CA TRP A 83 11.53 10.15 16.35
C TRP A 83 12.26 9.15 15.47
N GLN A 84 12.82 9.62 14.35
CA GLN A 84 13.44 8.69 13.40
C GLN A 84 14.57 7.91 14.05
N ASP A 85 15.29 8.54 14.98
CA ASP A 85 16.51 7.95 15.55
C ASP A 85 16.28 7.28 16.89
N ILE A 86 15.05 6.91 17.21
CA ILE A 86 14.81 6.33 18.53
C ILE A 86 15.56 5.01 18.64
N PRO A 87 16.33 4.79 19.69
CA PRO A 87 17.09 3.54 19.84
C PRO A 87 16.32 2.47 20.58
N ASP A 88 15.09 2.22 20.13
CA ASP A 88 14.22 1.27 20.83
C ASP A 88 14.58 -0.19 20.54
N PHE A 89 15.61 -0.43 19.75
CA PHE A 89 16.01 -1.76 19.34
C PHE A 89 17.22 -2.28 20.11
N ILE A 90 17.74 -1.53 21.08
CA ILE A 90 19.06 -1.85 21.61
C ILE A 90 19.06 -3.12 22.47
N ASP A 91 17.89 -3.57 22.93
CA ASP A 91 17.88 -4.80 23.73
C ASP A 91 18.23 -6.03 22.91
N SER A 92 18.14 -5.94 21.58
CA SER A 92 18.44 -7.04 20.68
C SER A 92 19.88 -7.03 20.18
N LEU A 93 20.67 -6.12 20.67
CA LEU A 93 22.08 -5.96 20.32
C LEU A 93 22.95 -6.75 21.27
N PRO A 94 24.13 -7.18 20.81
CA PRO A 94 25.10 -7.78 21.72
C PRO A 94 25.50 -6.80 22.81
N ASP A 95 25.97 -7.35 23.94
CA ASP A 95 26.15 -6.55 25.14
C ASP A 95 27.13 -5.41 24.94
N ALA A 96 28.27 -5.68 24.30
CA ALA A 96 29.26 -4.62 24.08
C ALA A 96 28.67 -3.46 23.28
N LEU A 97 27.95 -3.79 22.20
CA LEU A 97 27.37 -2.73 21.39
C LEU A 97 26.25 -2.01 22.13
N LYS A 98 25.46 -2.73 22.93
CA LYS A 98 24.39 -2.08 23.67
C LYS A 98 24.96 -1.03 24.62
N ALA A 99 26.08 -1.35 25.29
CA ALA A 99 26.69 -0.40 26.21
C ALA A 99 27.12 0.88 25.49
N VAL A 100 27.63 0.77 24.26
CA VAL A 100 27.98 1.97 23.49
C VAL A 100 26.74 2.83 23.26
N TYR A 101 25.62 2.21 22.87
CA TYR A 101 24.38 2.97 22.68
C TYR A 101 23.97 3.66 23.97
N LEU A 102 24.00 2.93 25.09
CA LEU A 102 23.56 3.53 26.35
C LEU A 102 24.40 4.75 26.71
N GLU A 103 25.70 4.72 26.41
CA GLU A 103 26.53 5.87 26.76
C GLU A 103 26.46 6.99 25.73
N GLN A 104 26.45 6.66 24.43
CA GLN A 104 26.70 7.65 23.38
C GLN A 104 25.46 8.11 22.62
N HIS A 105 24.38 7.36 22.65
CA HIS A 105 23.23 7.79 21.86
C HIS A 105 22.60 9.04 22.47
N PRO A 106 22.26 10.04 21.65
CA PRO A 106 21.65 11.26 22.19
C PRO A 106 20.24 11.00 22.70
N PRO A 107 19.76 11.79 23.64
CA PRO A 107 18.36 11.67 24.09
C PRO A 107 17.42 12.32 23.09
N PHE A 108 16.13 12.02 23.26
CA PHE A 108 15.10 12.72 22.51
C PHE A 108 15.08 14.17 22.97
N ASP A 109 15.37 15.09 22.05
CA ASP A 109 15.26 16.53 22.27
C ASP A 109 14.16 17.03 21.34
N PRO A 110 13.02 17.47 21.87
CA PRO A 110 11.90 17.83 20.98
C PRO A 110 12.25 18.95 20.00
N ALA A 111 13.25 19.77 20.31
CA ALA A 111 13.60 20.85 19.40
C ALA A 111 14.27 20.33 18.14
N THR A 112 15.12 19.30 18.27
CA THR A 112 15.96 18.88 17.16
C THR A 112 15.72 17.45 16.71
N ALA A 113 14.91 16.66 17.43
CA ALA A 113 14.71 15.27 17.04
C ALA A 113 13.99 15.21 15.71
N ARG A 114 14.59 14.55 14.73
CA ARG A 114 13.97 14.55 13.42
C ARG A 114 12.79 13.60 13.36
N ALA A 115 11.83 13.94 12.50
CA ALA A 115 10.64 13.13 12.33
C ALA A 115 10.98 11.86 11.54
N VAL A 116 10.05 10.89 11.62
CA VAL A 116 10.26 9.61 10.94
C VAL A 116 10.41 9.80 9.43
N ARG A 117 10.92 8.75 8.78
CA ARG A 117 11.48 8.87 7.44
C ARG A 117 10.42 9.13 6.37
N GLU A 118 9.33 8.36 6.40
CA GLU A 118 8.41 8.34 5.26
C GLU A 118 7.28 9.35 5.43
N ASN A 119 6.95 10.03 4.32
CA ASN A 119 5.81 10.93 4.24
C ASN A 119 5.85 12.00 5.32
N SER A 120 7.05 12.53 5.60
CA SER A 120 7.17 13.46 6.71
C SER A 120 7.78 14.79 6.33
N VAL A 121 7.95 15.07 5.02
CA VAL A 121 8.50 16.35 4.60
C VAL A 121 7.75 17.49 5.28
N LEU A 122 6.43 17.41 5.31
CA LEU A 122 5.68 18.51 5.90
C LEU A 122 5.79 18.53 7.41
N ALA A 123 5.95 17.37 8.04
CA ALA A 123 6.14 17.36 9.48
C ALA A 123 7.44 18.05 9.84
N GLU A 124 8.51 17.77 9.09
CA GLU A 124 9.79 18.44 9.33
C GLU A 124 9.69 19.94 9.08
N PHE A 125 8.93 20.36 8.06
CA PHE A 125 8.70 21.78 7.83
C PHE A 125 7.97 22.43 8.99
N LEU A 126 6.95 21.76 9.52
CA LEU A 126 6.20 22.32 10.64
C LEU A 126 7.11 22.69 11.79
N ARG A 127 8.22 21.96 11.97
CA ARG A 127 9.12 22.18 13.10
C ARG A 127 9.87 23.51 13.04
N THR A 128 10.00 24.10 11.85
CA THR A 128 10.60 25.43 11.71
C THR A 128 9.57 26.55 11.80
N TRP A 129 8.28 26.22 11.87
CA TRP A 129 7.27 27.23 12.02
C TRP A 129 7.36 27.84 13.42
N PRO A 130 7.25 29.15 13.53
CA PRO A 130 7.11 29.75 14.85
C PRO A 130 5.88 29.22 15.57
N CYS A 131 5.97 29.20 16.90
CA CYS A 131 4.86 28.84 17.76
CA CYS A 131 4.87 28.84 17.78
C CYS A 131 4.42 27.40 17.60
N VAL A 132 5.33 26.55 17.13
CA VAL A 132 5.04 25.11 17.05
C VAL A 132 5.16 24.50 18.45
N HIS A 133 4.32 23.50 18.70
CA HIS A 133 4.34 22.74 19.93
C HIS A 133 4.57 21.28 19.58
N ARG A 134 5.41 20.62 20.36
CA ARG A 134 5.66 19.20 20.13
C ARG A 134 5.40 18.43 21.42
N SER A 135 4.73 17.29 21.30
CA SER A 135 4.41 16.49 22.46
C SER A 135 5.64 15.68 22.94
N ALA A 136 5.59 15.28 24.21
CA ALA A 136 6.77 14.80 24.91
C ALA A 136 7.09 13.31 24.69
N ASN A 137 6.12 12.52 24.25
CA ASN A 137 6.38 11.09 24.07
C ASN A 137 7.26 10.91 22.83
N PRO A 138 8.51 10.43 22.96
CA PRO A 138 9.39 10.37 21.78
C PRO A 138 8.84 9.57 20.61
N GLU A 139 8.47 8.31 20.84
CA GLU A 139 8.07 7.46 19.73
C GLU A 139 6.76 7.93 19.11
N ALA A 140 5.87 8.51 19.91
CA ALA A 140 4.54 8.91 19.46
C ALA A 140 4.42 10.42 19.28
N SER A 141 5.55 11.12 19.15
CA SER A 141 5.53 12.58 19.21
CA SER A 141 5.50 12.57 19.23
C SER A 141 4.69 13.19 18.10
N MET A 142 3.88 14.18 18.46
CA MET A 142 3.09 14.97 17.52
C MET A 142 3.53 16.43 17.57
N VAL A 143 3.49 17.08 16.41
CA VAL A 143 3.79 18.50 16.29
C VAL A 143 2.53 19.22 15.84
N ALA A 144 2.32 20.43 16.36
CA ALA A 144 1.09 21.15 16.04
C ALA A 144 1.32 22.65 16.05
N VAL A 145 0.56 23.34 15.19
N VAL A 145 0.52 23.35 15.24
CA VAL A 145 0.49 24.79 15.16
CA VAL A 145 0.55 24.82 15.15
C VAL A 145 -0.97 25.20 15.26
C VAL A 145 -0.89 25.32 15.06
N GLY A 146 -1.20 26.39 15.80
CA GLY A 146 -2.53 26.97 15.79
C GLY A 146 -3.17 27.03 17.16
N ARG A 147 -4.48 27.27 17.14
CA ARG A 147 -5.19 27.70 18.35
C ARG A 147 -5.12 26.67 19.47
N GLN A 148 -5.30 25.39 19.14
CA GLN A 148 -5.30 24.31 20.14
C GLN A 148 -4.02 23.48 20.11
N ALA A 149 -2.92 24.05 19.58
CA ALA A 149 -1.68 23.27 19.47
C ALA A 149 -1.14 22.90 20.85
N ALA A 150 -1.15 23.85 21.78
CA ALA A 150 -0.72 23.55 23.14
C ALA A 150 -1.62 22.50 23.80
N LEU A 151 -2.93 22.68 23.67
CA LEU A 151 -3.88 21.74 24.29
C LEU A 151 -3.66 20.33 23.77
N LEU A 152 -3.53 20.19 22.45
CA LEU A 152 -3.43 18.84 21.87
C LEU A 152 -2.14 18.15 22.28
N THR A 153 -1.05 18.89 22.41
CA THR A 153 0.26 18.30 22.66
C THR A 153 0.60 18.20 24.14
N ALA A 154 -0.24 18.73 25.03
CA ALA A 154 0.08 18.75 26.45
C ALA A 154 0.01 17.37 27.08
N ASN A 155 0.92 17.12 28.03
CA ASN A 155 0.79 16.01 28.97
C ASN A 155 0.67 14.66 28.25
N HIS A 156 1.46 14.49 27.19
CA HIS A 156 1.46 13.26 26.42
C HIS A 156 2.25 12.22 27.21
N ALA A 157 1.55 11.25 27.80
CA ALA A 157 2.21 10.31 28.69
C ALA A 157 3.19 9.44 27.92
N LEU A 158 4.28 9.06 28.61
CA LEU A 158 5.30 8.22 28.00
C LEU A 158 4.77 6.81 27.74
N ASP A 159 3.97 6.26 28.66
CA ASP A 159 3.41 4.93 28.46
C ASP A 159 2.09 5.02 27.69
N TYR A 160 1.85 4.02 26.83
CA TYR A 160 0.63 3.95 26.02
C TYR A 160 0.38 5.25 25.25
N GLY A 161 1.33 5.55 24.37
CA GLY A 161 1.42 6.84 23.66
C GLY A 161 0.31 7.12 22.67
N TYR A 162 -0.48 6.11 22.33
CA TYR A 162 -1.63 6.30 21.45
C TYR A 162 -2.94 6.14 22.21
N GLY A 163 -2.89 6.20 23.54
CA GLY A 163 -3.99 5.86 24.41
C GLY A 163 -4.73 7.06 24.95
N VAL A 164 -5.18 6.94 26.20
CA VAL A 164 -6.09 7.92 26.78
C VAL A 164 -5.41 9.28 26.99
N GLU A 165 -4.10 9.30 27.21
CA GLU A 165 -3.36 10.53 27.50
C GLU A 165 -2.55 10.98 26.29
N SER A 166 -3.12 10.91 25.10
CA SER A 166 -2.40 11.19 23.88
C SER A 166 -3.05 12.34 23.13
N PRO A 167 -2.32 12.95 22.21
CA PRO A 167 -2.92 13.95 21.31
C PRO A 167 -4.03 13.40 20.45
N LEU A 168 -3.99 12.11 20.11
CA LEU A 168 -5.04 11.51 19.31
C LEU A 168 -6.34 11.43 20.09
N ALA A 169 -6.28 11.05 21.37
CA ALA A 169 -7.47 11.09 22.21
C ALA A 169 -8.04 12.49 22.28
N LYS A 170 -7.19 13.51 22.39
CA LYS A 170 -7.67 14.89 22.48
C LYS A 170 -8.29 15.33 21.15
N LEU A 171 -7.68 14.92 20.02
CA LEU A 171 -8.25 15.24 18.71
C LEU A 171 -9.67 14.68 18.58
N VAL A 172 -9.88 13.45 19.03
CA VAL A 172 -11.23 12.88 18.99
C VAL A 172 -12.16 13.66 19.91
N ALA A 173 -11.68 14.00 21.11
CA ALA A 173 -12.53 14.64 22.10
C ALA A 173 -12.98 16.04 21.68
N ILE A 174 -12.14 16.78 20.95
CA ILE A 174 -12.51 18.11 20.50
C ILE A 174 -13.13 18.05 19.11
N GLU A 175 -13.40 16.84 18.62
CA GLU A 175 -14.07 16.61 17.34
C GLU A 175 -13.30 17.22 16.17
N GLY A 176 -12.02 16.89 16.11
CA GLY A 176 -11.17 17.26 14.99
C GLY A 176 -11.34 16.33 13.80
N TYR A 177 -10.46 16.52 12.82
CA TYR A 177 -10.54 15.85 11.54
C TYR A 177 -9.18 15.28 11.16
N VAL A 178 -9.20 14.30 10.25
CA VAL A 178 -7.99 13.77 9.64
C VAL A 178 -8.04 14.07 8.15
N LEU A 179 -6.99 14.69 7.63
CA LEU A 179 -6.90 15.02 6.21
C LEU A 179 -5.80 14.17 5.58
N MET A 180 -6.14 13.40 4.55
N MET A 180 -6.19 13.37 4.59
CA MET A 180 -5.18 12.60 3.81
CA MET A 180 -5.25 12.64 3.74
C MET A 180 -4.90 13.31 2.49
C MET A 180 -4.91 13.53 2.55
N LEU A 181 -3.62 13.61 2.24
CA LEU A 181 -3.17 14.35 1.07
C LEU A 181 -2.20 13.47 0.27
N GLY A 182 -2.75 12.50 -0.45
CA GLY A 182 -1.92 11.59 -1.23
C GLY A 182 -1.19 10.53 -0.44
N ALA A 183 -1.46 10.41 0.86
CA ALA A 183 -0.83 9.39 1.69
C ALA A 183 -1.72 8.14 1.74
N PRO A 184 -1.13 6.95 1.76
CA PRO A 184 -1.95 5.73 1.85
C PRO A 184 -2.74 5.72 3.15
N LEU A 185 -3.96 5.19 3.06
CA LEU A 185 -4.85 5.18 4.21
C LEU A 185 -4.28 4.37 5.36
N ASP A 186 -3.41 3.40 5.07
CA ASP A 186 -2.81 2.54 6.09
CA ASP A 186 -2.87 2.56 6.13
C ASP A 186 -1.93 3.32 7.06
N THR A 187 -1.54 4.54 6.74
CA THR A 187 -0.65 5.33 7.58
C THR A 187 -1.39 6.25 8.57
N ILE A 188 -2.70 6.10 8.72
CA ILE A 188 -3.46 6.95 9.65
C ILE A 188 -3.11 6.55 11.09
N THR A 189 -2.38 7.44 11.79
CA THR A 189 -1.93 7.15 13.15
C THR A 189 -3.10 6.97 14.10
N LEU A 190 -4.20 7.66 13.84
CA LEU A 190 -5.38 7.58 14.69
C LEU A 190 -5.85 6.15 14.86
N LEU A 191 -5.60 5.29 13.87
CA LEU A 191 -6.01 3.89 14.01
C LEU A 191 -5.28 3.16 15.13
N HIS A 192 -4.09 3.63 15.55
CA HIS A 192 -3.47 3.02 16.73
C HIS A 192 -4.22 3.40 18.00
N HIS A 193 -4.91 4.55 17.99
CA HIS A 193 -5.78 4.90 19.12
C HIS A 193 -7.00 3.99 19.15
N ALA A 194 -7.53 3.64 17.98
CA ALA A 194 -8.62 2.67 17.93
C ALA A 194 -8.18 1.32 18.48
N GLU A 195 -6.96 0.86 18.11
CA GLU A 195 -6.45 -0.37 18.68
C GLU A 195 -6.38 -0.31 20.19
N TYR A 196 -5.91 0.82 20.73
CA TYR A 196 -5.85 0.98 22.18
C TYR A 196 -7.22 0.82 22.81
N LEU A 197 -8.25 1.44 22.22
CA LEU A 197 -9.59 1.48 22.79
C LEU A 197 -10.32 0.14 22.65
N ALA A 198 -10.04 -0.62 21.59
CA ALA A 198 -10.82 -1.81 21.29
C ALA A 198 -10.51 -2.93 22.27
N LYS A 199 -11.57 -3.58 22.76
CA LYS A 199 -11.40 -4.77 23.58
C LYS A 199 -11.21 -5.96 22.64
N MET A 200 -10.01 -6.53 22.63
CA MET A 200 -9.66 -7.57 21.67
C MET A 200 -9.12 -8.81 22.37
N ARG A 201 -9.27 -9.95 21.69
CA ARG A 201 -8.90 -11.23 22.30
C ARG A 201 -7.39 -11.36 22.51
N HIS A 202 -6.58 -10.64 21.75
CA HIS A 202 -5.13 -10.69 21.94
C HIS A 202 -4.51 -9.32 21.71
N LYS A 203 -3.62 -8.90 22.62
CA LYS A 203 -2.81 -7.71 22.43
C LYS A 203 -1.37 -8.02 22.79
N ASN A 204 -0.44 -7.46 22.03
CA ASN A 204 0.99 -7.50 22.36
C ASN A 204 1.33 -6.25 23.14
N VAL A 205 1.91 -6.41 24.32
CA VAL A 205 2.39 -5.30 25.14
C VAL A 205 3.91 -5.35 25.11
N VAL A 206 4.54 -4.20 24.84
CA VAL A 206 5.99 -4.15 24.73
C VAL A 206 6.56 -3.19 25.75
N ARG A 207 7.81 -3.46 26.16
CA ARG A 207 8.59 -2.50 26.93
C ARG A 207 9.92 -2.28 26.23
N TYR A 208 10.31 -1.03 26.06
CA TYR A 208 11.52 -0.76 25.32
C TYR A 208 12.25 0.43 25.95
N PRO A 209 13.56 0.51 25.76
CA PRO A 209 14.32 1.61 26.37
C PRO A 209 14.31 2.85 25.47
N CYS A 210 14.40 4.00 26.12
CA CYS A 210 14.46 5.27 25.39
C CYS A 210 15.19 6.33 26.21
N PRO A 211 16.13 7.06 25.61
CA PRO A 211 16.78 8.15 26.34
C PRO A 211 16.01 9.44 26.16
N ILE A 212 15.73 10.16 27.25
CA ILE A 212 14.98 11.40 27.20
C ILE A 212 15.75 12.46 27.98
N LEU A 213 15.27 13.68 27.92
CA LEU A 213 15.82 14.75 28.74
C LEU A 213 14.98 14.89 30.00
N ARG A 214 15.64 14.89 31.15
CA ARG A 214 14.98 15.12 32.43
C ARG A 214 15.80 16.16 33.19
N ASP A 215 15.27 17.38 33.28
CA ASP A 215 16.00 18.52 33.84
C ASP A 215 17.30 18.79 33.08
N GLY A 216 17.20 18.77 31.76
CA GLY A 216 18.34 19.06 30.89
C GLY A 216 19.40 17.99 30.81
N ARG A 217 19.23 16.85 31.47
CA ARG A 217 20.19 15.78 31.45
C ARG A 217 19.58 14.53 30.81
N LYS A 218 20.44 13.73 30.17
CA LYS A 218 19.98 12.50 29.55
C LYS A 218 19.71 11.43 30.61
N VAL A 219 18.55 10.81 30.54
CA VAL A 219 18.16 9.71 31.40
C VAL A 219 17.52 8.65 30.52
N TRP A 220 17.89 7.38 30.74
CA TRP A 220 17.25 6.27 30.06
C TRP A 220 16.05 5.80 30.87
N VAL A 221 14.90 5.69 30.19
CA VAL A 221 13.69 5.19 30.83
C VAL A 221 13.21 3.99 30.03
N THR A 222 12.32 3.20 30.65
CA THR A 222 11.63 2.15 29.93
C THR A 222 10.20 2.59 29.66
N VAL A 223 9.79 2.49 28.40
CA VAL A 223 8.44 2.83 27.96
C VAL A 223 7.65 1.55 27.79
N GLU A 224 6.40 1.55 28.26
CA GLU A 224 5.50 0.44 27.99
C GLU A 224 4.41 0.92 27.06
N ASP A 225 4.06 0.08 26.07
CA ASP A 225 3.05 0.47 25.10
C ASP A 225 2.48 -0.79 24.47
N TYR A 226 1.35 -0.64 23.79
CA TYR A 226 0.97 -1.67 22.85
C TYR A 226 1.93 -1.62 21.69
N ASP A 227 2.31 -2.77 21.16
CA ASP A 227 3.12 -2.79 19.96
C ASP A 227 2.38 -2.06 18.84
N THR A 228 3.05 -1.11 18.18
CA THR A 228 2.44 -0.44 17.04
C THR A 228 3.14 -0.77 15.73
N GLY A 229 4.08 -1.71 15.75
CA GLY A 229 4.83 -2.04 14.55
C GLY A 229 4.17 -3.14 13.75
N ASP A 230 3.31 -3.92 14.42
CA ASP A 230 2.58 -5.01 13.81
C ASP A 230 1.18 -5.03 14.40
N PRO A 231 0.21 -5.57 13.67
CA PRO A 231 -1.15 -5.66 14.22
C PRO A 231 -1.22 -6.71 15.31
N HIS A 232 -2.23 -6.58 16.16
CA HIS A 232 -2.44 -7.51 17.26
C HIS A 232 -3.14 -8.78 16.82
N ASP A 233 -3.69 -8.80 15.62
CA ASP A 233 -4.46 -9.92 15.11
C ASP A 233 -4.43 -9.86 13.60
N ASP A 234 -5.31 -10.65 12.96
CA ASP A 234 -5.33 -10.83 11.51
C ASP A 234 -6.10 -9.68 10.84
N TYR A 235 -5.46 -8.52 10.79
CA TYR A 235 -6.04 -7.35 10.13
C TYR A 235 -4.94 -6.42 9.67
N SER A 236 -5.33 -5.42 8.88
CA SER A 236 -4.45 -4.32 8.49
C SER A 236 -5.24 -3.01 8.53
N PHE A 237 -4.52 -1.91 8.70
CA PHE A 237 -5.17 -0.60 8.70
C PHE A 237 -5.75 -0.26 7.32
N GLU A 238 -5.10 -0.70 6.24
CA GLU A 238 -5.66 -0.47 4.91
C GLU A 238 -7.05 -1.09 4.80
N GLN A 239 -7.21 -2.31 5.32
CA GLN A 239 -8.51 -2.98 5.34
C GLN A 239 -9.55 -2.12 6.02
N ILE A 240 -9.25 -1.66 7.24
CA ILE A 240 -10.22 -0.88 8.01
C ILE A 240 -10.60 0.39 7.27
N ALA A 241 -9.59 1.14 6.82
CA ALA A 241 -9.85 2.42 6.17
C ALA A 241 -10.61 2.22 4.86
N ARG A 242 -10.24 1.21 4.08
N ARG A 242 -10.26 1.19 4.08
CA ARG A 242 -10.97 0.95 2.83
CA ARG A 242 -10.97 0.95 2.83
C ARG A 242 -12.43 0.61 3.11
C ARG A 242 -12.43 0.59 3.09
N ASP A 243 -12.69 -0.19 4.15
CA ASP A 243 -14.07 -0.49 4.51
C ASP A 243 -14.78 0.79 4.95
N TYR A 244 -14.07 1.68 5.65
CA TYR A 244 -14.67 2.92 6.11
C TYR A 244 -15.11 3.78 4.93
N VAL A 245 -14.21 3.96 3.96
CA VAL A 245 -14.52 4.76 2.78
C VAL A 245 -15.65 4.11 1.99
N ALA A 246 -15.62 2.78 1.86
CA ALA A 246 -16.64 2.07 1.08
C ALA A 246 -18.04 2.26 1.65
N GLN A 247 -18.16 2.55 2.94
CA GLN A 247 -19.47 2.76 3.55
C GLN A 247 -19.86 4.24 3.64
N GLY A 248 -19.14 5.12 2.94
CA GLY A 248 -19.49 6.52 2.88
C GLY A 248 -18.73 7.42 3.84
N GLY A 249 -17.76 6.89 4.58
CA GLY A 249 -17.03 7.71 5.53
C GLY A 249 -16.22 8.79 4.82
N GLY A 250 -16.33 10.02 5.31
CA GLY A 250 -15.49 11.10 4.83
C GLY A 250 -15.94 11.78 3.55
N THR A 251 -15.20 12.82 3.19
CA THR A 251 -15.34 13.52 1.91
C THR A 251 -14.05 13.40 1.12
N ARG A 252 -14.14 13.63 -0.18
CA ARG A 252 -13.07 13.30 -1.10
C ARG A 252 -12.96 14.39 -2.15
N GLY A 253 -11.74 14.67 -2.60
CA GLY A 253 -11.52 15.69 -3.61
C GLY A 253 -10.05 15.84 -3.91
N LYS A 254 -9.76 16.56 -4.99
CA LYS A 254 -8.38 16.74 -5.43
C LYS A 254 -7.77 17.99 -4.79
N VAL A 255 -6.50 17.88 -4.41
CA VAL A 255 -5.73 19.02 -3.93
C VAL A 255 -4.41 19.00 -4.69
N GLY A 256 -4.20 19.99 -5.55
CA GLY A 256 -3.08 19.88 -6.47
C GLY A 256 -3.28 18.64 -7.33
N ASP A 257 -2.25 17.81 -7.40
CA ASP A 257 -2.32 16.57 -8.16
C ASP A 257 -2.71 15.37 -7.30
N ALA A 258 -2.98 15.58 -6.02
CA ALA A 258 -3.21 14.49 -5.08
C ALA A 258 -4.69 14.23 -4.87
N ASP A 259 -5.04 12.98 -4.67
CA ASP A 259 -6.39 12.64 -4.27
C ASP A 259 -6.47 12.75 -2.76
N ALA A 260 -7.43 13.53 -2.27
CA ALA A 260 -7.50 13.86 -0.85
C ALA A 260 -8.74 13.27 -0.20
N TYR A 261 -8.62 12.97 1.09
CA TYR A 261 -9.75 12.47 1.88
C TYR A 261 -9.81 13.29 3.16
N LEU A 262 -11.02 13.64 3.59
CA LEU A 262 -11.20 14.37 4.85
C LEU A 262 -12.17 13.56 5.73
N PHE A 263 -11.68 13.11 6.90
CA PHE A 263 -12.46 12.26 7.79
C PHE A 263 -12.70 12.98 9.12
N ALA A 264 -13.88 12.75 9.71
CA ALA A 264 -14.08 13.17 11.09
C ALA A 264 -13.38 12.19 12.03
N ALA A 265 -12.53 12.72 12.91
CA ALA A 265 -11.75 11.84 13.79
C ALA A 265 -12.65 10.99 14.68
N GLN A 266 -13.74 11.57 15.19
CA GLN A 266 -14.60 10.82 16.11
C GLN A 266 -15.30 9.68 15.39
N ASP A 267 -15.86 9.97 14.20
CA ASP A 267 -16.57 8.93 13.44
C ASP A 267 -15.62 7.82 13.00
N LEU A 268 -14.42 8.18 12.53
CA LEU A 268 -13.48 7.14 12.09
C LEU A 268 -13.04 6.28 13.27
N THR A 269 -12.77 6.88 14.43
CA THR A 269 -12.38 6.10 15.60
C THR A 269 -13.49 5.15 16.02
N ARG A 270 -14.72 5.66 16.13
CA ARG A 270 -15.85 4.81 16.48
C ARG A 270 -16.00 3.66 15.51
N PHE A 271 -15.89 3.95 14.21
CA PHE A 271 -16.00 2.90 13.20
C PHE A 271 -14.90 1.85 13.38
N ALA A 272 -13.65 2.30 13.54
CA ALA A 272 -12.53 1.35 13.62
C ALA A 272 -12.61 0.50 14.88
N VAL A 273 -13.04 1.09 16.00
CA VAL A 273 -13.21 0.30 17.22
C VAL A 273 -14.26 -0.79 17.00
N GLN A 274 -15.40 -0.42 16.41
N GLN A 274 -15.41 -0.42 16.41
CA GLN A 274 -16.45 -1.41 16.15
CA GLN A 274 -16.45 -1.41 16.14
C GLN A 274 -15.97 -2.47 15.17
C GLN A 274 -15.94 -2.49 15.18
N TRP A 275 -15.15 -2.08 14.18
CA TRP A 275 -14.62 -3.03 13.21
C TRP A 275 -13.73 -4.06 13.89
N LEU A 276 -12.83 -3.60 14.76
CA LEU A 276 -11.94 -4.51 15.48
C LEU A 276 -12.72 -5.38 16.45
N GLU A 277 -13.69 -4.79 17.17
CA GLU A 277 -14.41 -5.57 18.18
C GLU A 277 -15.35 -6.58 17.56
N SER A 278 -15.90 -6.30 16.38
N SER A 278 -15.91 -6.29 16.38
CA SER A 278 -16.80 -7.26 15.75
CA SER A 278 -16.79 -7.24 15.72
C SER A 278 -16.06 -8.47 15.19
C SER A 278 -16.03 -8.49 15.28
N ARG A 279 -14.74 -8.36 14.97
CA ARG A 279 -13.95 -9.46 14.45
C ARG A 279 -13.10 -10.13 15.51
N PHE A 280 -12.60 -9.37 16.48
CA PHE A 280 -11.66 -9.88 17.47
C PHE A 280 -12.11 -9.58 18.89
N GLY A 281 -13.35 -9.11 19.08
CA GLY A 281 -13.80 -8.58 20.34
C GLY A 281 -14.57 -9.58 21.17
N ASP A 282 -15.19 -9.06 22.23
CA ASP A 282 -15.77 -9.90 23.27
C ASP A 282 -17.03 -10.65 22.82
N ILE B 22 -26.71 3.47 -21.84
CA ILE B 22 -26.09 2.87 -23.01
C ILE B 22 -24.73 2.28 -22.65
N PRO B 23 -24.59 0.96 -22.78
CA PRO B 23 -23.35 0.32 -22.33
C PRO B 23 -22.19 0.64 -23.28
N HIS B 24 -20.99 0.64 -22.72
CA HIS B 24 -19.80 0.95 -23.50
C HIS B 24 -19.69 -0.03 -24.65
N THR B 25 -19.43 0.49 -25.84
CA THR B 25 -19.30 -0.36 -27.02
C THR B 25 -17.85 -0.79 -27.21
N HIS B 26 -17.70 -1.84 -28.02
CA HIS B 26 -16.37 -2.30 -28.42
C HIS B 26 -15.53 -1.13 -28.96
N ALA B 27 -16.10 -0.36 -29.88
CA ALA B 27 -15.35 0.73 -30.50
C ALA B 27 -14.94 1.79 -29.46
N HIS B 28 -15.86 2.11 -28.55
CA HIS B 28 -15.56 3.08 -27.49
C HIS B 28 -14.35 2.64 -26.67
N LEU B 29 -14.33 1.37 -26.28
CA LEU B 29 -13.22 0.84 -25.50
C LEU B 29 -11.93 0.84 -26.30
N VAL B 30 -12.00 0.44 -27.58
CA VAL B 30 -10.79 0.47 -28.41
C VAL B 30 -10.20 1.87 -28.44
N ASP B 31 -11.05 2.88 -28.66
CA ASP B 31 -10.56 4.25 -28.71
C ASP B 31 -9.95 4.67 -27.38
N ALA B 32 -10.59 4.28 -26.27
CA ALA B 32 -10.06 4.64 -24.96
C ALA B 32 -8.71 3.97 -24.69
N PHE B 33 -8.55 2.70 -25.09
CA PHE B 33 -7.26 2.04 -24.93
C PHE B 33 -6.19 2.74 -25.76
N GLN B 34 -6.53 3.13 -26.99
CA GLN B 34 -5.54 3.81 -27.83
C GLN B 34 -5.20 5.17 -27.27
N ALA B 35 -6.20 5.88 -26.73
CA ALA B 35 -5.94 7.20 -26.14
C ALA B 35 -4.98 7.09 -24.97
N LEU B 36 -5.08 5.99 -24.21
CA LEU B 36 -4.22 5.76 -23.05
C LEU B 36 -2.80 5.43 -23.48
N GLY B 37 -2.63 4.86 -24.67
CA GLY B 37 -1.29 4.54 -25.17
C GLY B 37 -1.10 3.11 -25.65
N ILE B 38 -2.16 2.30 -25.66
CA ILE B 38 -2.06 0.94 -26.20
C ILE B 38 -1.84 1.02 -27.70
N ARG B 39 -0.89 0.22 -28.19
CA ARG B 39 -0.46 0.26 -29.59
C ARG B 39 -0.32 -1.15 -30.13
N ALA B 40 -0.44 -1.26 -31.46
CA ALA B 40 -0.30 -2.56 -32.12
C ALA B 40 1.06 -3.19 -31.81
N GLY B 41 1.04 -4.48 -31.52
CA GLY B 41 2.24 -5.23 -31.29
C GLY B 41 2.74 -5.26 -29.85
N GLN B 42 2.17 -4.46 -28.96
CA GLN B 42 2.62 -4.46 -27.57
C GLN B 42 2.34 -5.79 -26.90
N ALA B 43 3.17 -6.12 -25.91
CA ALA B 43 2.88 -7.20 -24.96
C ALA B 43 2.45 -6.57 -23.64
N LEU B 44 1.29 -6.97 -23.16
CA LEU B 44 0.61 -6.27 -22.09
C LEU B 44 0.13 -7.28 -21.06
N MET B 45 0.40 -6.99 -19.79
CA MET B 45 -0.24 -7.68 -18.67
C MET B 45 -1.35 -6.79 -18.13
N LEU B 46 -2.55 -7.35 -17.96
CA LEU B 46 -3.73 -6.61 -17.55
C LEU B 46 -4.15 -6.98 -16.13
N HIS B 47 -4.43 -5.96 -15.33
CA HIS B 47 -5.14 -6.12 -14.06
C HIS B 47 -6.42 -5.30 -14.18
N ALA B 48 -7.57 -5.91 -13.94
CA ALA B 48 -8.80 -5.20 -14.19
C ALA B 48 -9.83 -5.46 -13.10
N SER B 49 -10.69 -4.47 -12.89
CA SER B 49 -11.93 -4.63 -12.16
C SER B 49 -13.08 -4.41 -13.13
N VAL B 50 -13.82 -5.47 -13.44
CA VAL B 50 -14.93 -5.36 -14.39
C VAL B 50 -15.98 -4.39 -13.89
N LYS B 51 -16.23 -4.41 -12.58
CA LYS B 51 -17.21 -3.49 -12.00
C LYS B 51 -16.81 -2.03 -12.23
N ALA B 52 -15.51 -1.73 -12.15
CA ALA B 52 -15.06 -0.35 -12.32
C ALA B 52 -15.27 0.16 -13.74
N VAL B 53 -15.18 -0.74 -14.73
CA VAL B 53 -15.35 -0.31 -16.12
C VAL B 53 -16.79 0.11 -16.41
N GLY B 54 -17.76 -0.49 -15.73
CA GLY B 54 -19.15 -0.23 -16.02
C GLY B 54 -19.69 -1.16 -17.09
N ALA B 55 -20.99 -1.03 -17.35
CA ALA B 55 -21.67 -1.94 -18.27
C ALA B 55 -21.07 -1.83 -19.67
N VAL B 56 -20.84 -2.99 -20.28
CA VAL B 56 -20.25 -3.10 -21.61
C VAL B 56 -21.23 -3.84 -22.51
N MET B 57 -21.42 -3.34 -23.73
N MET B 57 -21.43 -3.33 -23.73
CA MET B 57 -22.34 -3.95 -24.69
CA MET B 57 -22.37 -3.95 -24.66
C MET B 57 -21.78 -5.29 -25.15
C MET B 57 -21.81 -5.28 -25.15
N GLY B 58 -22.40 -6.38 -24.70
CA GLY B 58 -21.87 -7.71 -24.95
C GLY B 58 -21.17 -8.35 -23.77
N GLY B 59 -21.03 -7.63 -22.66
CA GLY B 59 -20.48 -8.20 -21.45
C GLY B 59 -18.97 -8.12 -21.33
N PRO B 60 -18.42 -8.66 -20.24
CA PRO B 60 -17.00 -8.46 -19.94
C PRO B 60 -16.06 -8.94 -21.03
N ASN B 61 -16.44 -9.95 -21.82
CA ASN B 61 -15.51 -10.44 -22.83
CA ASN B 61 -15.54 -10.46 -22.87
C ASN B 61 -15.22 -9.37 -23.88
N VAL B 62 -16.13 -8.42 -24.07
CA VAL B 62 -15.88 -7.36 -25.03
C VAL B 62 -14.69 -6.50 -24.58
N ILE B 63 -14.46 -6.38 -23.26
CA ILE B 63 -13.27 -5.67 -22.79
C ILE B 63 -12.02 -6.32 -23.37
N LEU B 64 -11.96 -7.64 -23.31
CA LEU B 64 -10.80 -8.37 -23.84
C LEU B 64 -10.73 -8.29 -25.35
N GLN B 65 -11.89 -8.38 -26.01
CA GLN B 65 -11.89 -8.29 -27.47
C GLN B 65 -11.45 -6.92 -27.94
N ALA B 66 -11.88 -5.87 -27.24
CA ALA B 66 -11.44 -4.51 -27.61
C ALA B 66 -9.96 -4.33 -27.37
N LEU B 67 -9.45 -4.86 -26.26
CA LEU B 67 -8.01 -4.71 -25.98
C LEU B 67 -7.19 -5.47 -27.02
N MET B 68 -7.60 -6.69 -27.37
CA MET B 68 -6.89 -7.46 -28.39
C MET B 68 -7.02 -6.83 -29.78
N ASP B 69 -8.11 -6.11 -30.03
CA ASP B 69 -8.24 -5.35 -31.27
C ASP B 69 -7.19 -4.24 -31.31
N ALA B 70 -7.06 -3.49 -30.21
CA ALA B 70 -6.03 -2.45 -30.14
C ALA B 70 -4.63 -3.03 -30.25
N LEU B 71 -4.39 -4.19 -29.63
CA LEU B 71 -3.06 -4.81 -29.71
C LEU B 71 -2.80 -5.46 -31.06
N THR B 72 -3.86 -5.84 -31.79
CA THR B 72 -3.80 -6.65 -33.02
C THR B 72 -3.29 -8.06 -32.74
N PRO B 73 -3.41 -8.98 -33.70
CA PRO B 73 -2.85 -10.33 -33.49
C PRO B 73 -1.35 -10.35 -33.28
N ASP B 74 -0.63 -9.30 -33.69
CA ASP B 74 0.80 -9.23 -33.42
C ASP B 74 1.12 -8.85 -31.98
N GLY B 75 0.13 -8.39 -31.22
CA GLY B 75 0.31 -8.10 -29.81
C GLY B 75 0.01 -9.32 -28.95
N THR B 76 0.22 -9.14 -27.65
CA THR B 76 0.07 -10.23 -26.69
C THR B 76 -0.58 -9.67 -25.42
N LEU B 77 -1.50 -10.46 -24.84
CA LEU B 77 -2.22 -10.06 -23.63
C LEU B 77 -2.06 -11.17 -22.61
N MET B 78 -1.59 -10.83 -21.41
CA MET B 78 -1.36 -11.79 -20.31
C MET B 78 -2.10 -11.33 -19.07
N MET B 79 -2.53 -12.29 -18.24
CA MET B 79 -3.16 -11.95 -16.98
C MET B 79 -2.69 -12.97 -15.94
N TYR B 80 -2.69 -12.55 -14.68
CA TYR B 80 -2.41 -13.46 -13.57
C TYR B 80 -3.64 -14.31 -13.30
N ALA B 81 -3.45 -15.63 -13.26
CA ALA B 81 -4.52 -16.57 -12.96
C ALA B 81 -4.32 -17.23 -11.61
N GLY B 82 -3.13 -17.75 -11.34
CA GLY B 82 -2.96 -18.45 -10.08
C GLY B 82 -3.79 -19.71 -10.09
N TRP B 83 -4.12 -20.17 -8.88
CA TRP B 83 -4.97 -21.35 -8.72
C TRP B 83 -5.83 -21.15 -7.49
N GLN B 84 -7.14 -20.97 -7.71
N GLN B 84 -7.13 -20.94 -7.67
CA GLN B 84 -8.06 -20.68 -6.62
CA GLN B 84 -7.96 -20.63 -6.52
C GLN B 84 -8.04 -21.76 -5.56
C GLN B 84 -7.98 -21.77 -5.51
N ASP B 85 -7.88 -23.02 -5.98
CA ASP B 85 -8.05 -24.15 -5.09
C ASP B 85 -6.74 -24.73 -4.59
N ILE B 86 -5.65 -23.96 -4.65
CA ILE B 86 -4.36 -24.49 -4.22
C ILE B 86 -4.38 -24.91 -2.75
N PRO B 87 -4.09 -26.18 -2.44
CA PRO B 87 -4.16 -26.66 -1.05
C PRO B 87 -2.84 -26.44 -0.31
N ASP B 88 -2.33 -25.21 -0.35
CA ASP B 88 -1.03 -24.95 0.25
C ASP B 88 -1.08 -24.87 1.78
N PHE B 89 -2.27 -24.95 2.37
CA PHE B 89 -2.53 -24.76 3.78
C PHE B 89 -2.68 -26.08 4.55
N ILE B 90 -2.45 -27.24 3.90
CA ILE B 90 -2.83 -28.50 4.52
C ILE B 90 -2.08 -28.77 5.82
N ASP B 91 -0.86 -28.24 5.96
CA ASP B 91 -0.10 -28.51 7.18
C ASP B 91 -0.75 -27.90 8.43
N SER B 92 -1.63 -26.91 8.27
N SER B 92 -1.64 -26.92 8.26
CA SER B 92 -2.35 -26.30 9.38
CA SER B 92 -2.35 -26.30 9.36
C SER B 92 -3.62 -27.04 9.75
C SER B 92 -3.65 -27.02 9.72
N LEU B 93 -4.04 -28.03 8.97
CA LEU B 93 -5.25 -28.77 9.24
C LEU B 93 -4.98 -29.87 10.26
N PRO B 94 -6.02 -30.38 10.93
CA PRO B 94 -5.84 -31.60 11.73
C PRO B 94 -5.23 -32.68 10.84
N ASP B 95 -4.37 -33.52 11.45
CA ASP B 95 -3.65 -34.54 10.68
C ASP B 95 -4.60 -35.42 9.88
N ALA B 96 -5.71 -35.84 10.49
CA ALA B 96 -6.65 -36.73 9.80
C ALA B 96 -7.27 -36.04 8.60
N LEU B 97 -7.48 -34.72 8.66
CA LEU B 97 -8.01 -34.02 7.50
C LEU B 97 -6.94 -33.84 6.43
N LYS B 98 -5.70 -33.55 6.85
CA LYS B 98 -4.61 -33.46 5.89
C LYS B 98 -4.49 -34.76 5.10
N ALA B 99 -4.63 -35.89 5.78
CA ALA B 99 -4.54 -37.18 5.10
C ALA B 99 -5.60 -37.30 4.00
N VAL B 100 -6.82 -36.81 4.26
CA VAL B 100 -7.84 -36.80 3.22
C VAL B 100 -7.43 -35.93 2.03
N TYR B 101 -6.90 -34.73 2.30
CA TYR B 101 -6.43 -33.87 1.22
C TYR B 101 -5.36 -34.56 0.38
N LEU B 102 -4.42 -35.24 1.04
CA LEU B 102 -3.33 -35.87 0.30
C LEU B 102 -3.83 -36.97 -0.63
N GLU B 103 -4.96 -37.59 -0.29
CA GLU B 103 -5.52 -38.64 -1.12
C GLU B 103 -6.50 -38.10 -2.18
N GLN B 104 -7.34 -37.11 -1.83
CA GLN B 104 -8.51 -36.76 -2.63
C GLN B 104 -8.42 -35.41 -3.32
N HIS B 105 -7.56 -34.49 -2.87
CA HIS B 105 -7.55 -33.19 -3.54
C HIS B 105 -6.97 -33.33 -4.95
N PRO B 106 -7.59 -32.72 -5.96
CA PRO B 106 -7.07 -32.87 -7.32
C PRO B 106 -5.78 -32.09 -7.50
N PRO B 107 -4.96 -32.48 -8.47
CA PRO B 107 -3.75 -31.70 -8.78
C PRO B 107 -4.09 -30.47 -9.61
N PHE B 108 -3.11 -29.57 -9.67
CA PHE B 108 -3.21 -28.46 -10.60
C PHE B 108 -3.24 -28.97 -12.03
N ASP B 109 -4.34 -28.71 -12.74
CA ASP B 109 -4.49 -29.05 -14.15
C ASP B 109 -4.68 -27.74 -14.89
N PRO B 110 -3.70 -27.30 -15.68
CA PRO B 110 -3.81 -25.98 -16.32
C PRO B 110 -5.03 -25.85 -17.22
N ALA B 111 -5.57 -26.96 -17.73
CA ALA B 111 -6.74 -26.85 -18.61
C ALA B 111 -7.98 -26.42 -17.85
N THR B 112 -8.12 -26.84 -16.59
CA THR B 112 -9.36 -26.61 -15.86
C THR B 112 -9.20 -25.87 -14.53
N ALA B 113 -7.98 -25.63 -14.06
CA ALA B 113 -7.82 -25.03 -12.74
C ALA B 113 -8.39 -23.62 -12.73
N ARG B 114 -9.26 -23.34 -11.76
CA ARG B 114 -9.87 -22.01 -11.63
C ARG B 114 -8.82 -20.96 -11.30
N ALA B 115 -8.97 -19.78 -11.89
CA ALA B 115 -8.17 -18.64 -11.48
C ALA B 115 -8.60 -18.15 -10.09
N VAL B 116 -7.71 -17.44 -9.42
N VAL B 116 -7.71 -17.44 -9.42
CA VAL B 116 -8.03 -16.90 -8.10
CA VAL B 116 -8.01 -16.90 -8.09
C VAL B 116 -9.24 -15.99 -8.21
C VAL B 116 -9.20 -15.95 -8.18
N ARG B 117 -10.02 -15.95 -7.13
CA ARG B 117 -11.33 -15.30 -7.21
C ARG B 117 -11.25 -13.78 -7.30
N GLU B 118 -10.30 -13.16 -6.62
CA GLU B 118 -10.28 -11.70 -6.52
C GLU B 118 -9.80 -11.06 -7.81
N ASN B 119 -10.60 -10.13 -8.34
CA ASN B 119 -10.21 -9.30 -9.51
C ASN B 119 -9.77 -10.16 -10.69
N SER B 120 -10.49 -11.24 -10.95
CA SER B 120 -10.04 -12.12 -12.03
C SER B 120 -11.19 -12.61 -12.88
N VAL B 121 -12.31 -11.88 -12.91
CA VAL B 121 -13.35 -12.21 -13.87
C VAL B 121 -12.75 -12.32 -15.27
N LEU B 122 -11.98 -11.31 -15.68
CA LEU B 122 -11.42 -11.36 -17.02
C LEU B 122 -10.39 -12.48 -17.19
N ALA B 123 -9.64 -12.82 -16.14
CA ALA B 123 -8.69 -13.92 -16.29
C ALA B 123 -9.44 -15.22 -16.58
N GLU B 124 -10.58 -15.42 -15.92
CA GLU B 124 -11.40 -16.61 -16.18
C GLU B 124 -11.97 -16.59 -17.61
N PHE B 125 -12.41 -15.42 -18.10
CA PHE B 125 -12.79 -15.31 -19.50
C PHE B 125 -11.64 -15.65 -20.44
N LEU B 126 -10.44 -15.15 -20.16
CA LEU B 126 -9.34 -15.39 -21.07
C LEU B 126 -9.02 -16.89 -21.21
N ARG B 127 -9.37 -17.71 -20.22
CA ARG B 127 -9.09 -19.16 -20.29
C ARG B 127 -9.96 -19.91 -21.28
N THR B 128 -11.04 -19.30 -21.77
CA THR B 128 -11.86 -19.92 -22.80
C THR B 128 -11.55 -19.40 -24.19
N TRP B 129 -10.58 -18.48 -24.32
CA TRP B 129 -10.21 -18.04 -25.64
C TRP B 129 -9.50 -19.16 -26.38
N PRO B 130 -9.77 -19.31 -27.66
CA PRO B 130 -8.97 -20.22 -28.47
C PRO B 130 -7.53 -19.74 -28.45
N CYS B 131 -6.62 -20.71 -28.46
CA CYS B 131 -5.18 -20.48 -28.52
CA CYS B 131 -5.18 -20.48 -28.52
C CYS B 131 -4.62 -19.82 -27.27
N VAL B 132 -5.32 -19.93 -26.14
CA VAL B 132 -4.75 -19.45 -24.88
C VAL B 132 -3.62 -20.37 -24.44
N HIS B 133 -2.63 -19.80 -23.75
CA HIS B 133 -1.53 -20.56 -23.14
C HIS B 133 -1.52 -20.28 -21.65
N ARG B 134 -1.22 -21.30 -20.86
CA ARG B 134 -1.19 -21.12 -19.42
C ARG B 134 0.12 -21.68 -18.88
N SER B 135 0.77 -20.92 -17.99
CA SER B 135 2.05 -21.34 -17.46
C SER B 135 1.87 -22.40 -16.36
N ALA B 136 2.97 -23.11 -16.07
CA ALA B 136 2.91 -24.36 -15.33
C ALA B 136 3.01 -24.18 -13.81
N ASN B 137 3.43 -23.03 -13.32
CA ASN B 137 3.55 -22.84 -11.88
C ASN B 137 2.17 -22.61 -11.29
N PRO B 138 1.68 -23.49 -10.41
CA PRO B 138 0.25 -23.35 -9.99
C PRO B 138 -0.06 -22.04 -9.31
N GLU B 139 0.70 -21.69 -8.28
CA GLU B 139 0.39 -20.50 -7.49
C GLU B 139 0.59 -19.23 -8.30
N ALA B 140 1.56 -19.23 -9.21
CA ALA B 140 1.92 -18.05 -9.98
C ALA B 140 1.45 -18.12 -11.43
N SER B 141 0.53 -19.04 -11.75
N SER B 141 0.52 -19.02 -11.75
CA SER B 141 0.16 -19.28 -13.13
CA SER B 141 0.20 -19.30 -13.16
C SER B 141 -0.32 -18.03 -13.84
C SER B 141 -0.36 -18.07 -13.86
N MET B 142 0.11 -17.87 -15.09
CA MET B 142 -0.31 -16.75 -15.93
C MET B 142 -0.96 -17.34 -17.17
N VAL B 143 -1.95 -16.62 -17.69
N VAL B 143 -1.88 -16.56 -17.75
CA VAL B 143 -2.61 -17.00 -18.94
CA VAL B 143 -2.67 -16.95 -18.90
C VAL B 143 -2.33 -15.91 -19.96
C VAL B 143 -2.50 -15.89 -19.98
N ALA B 144 -2.17 -16.31 -21.21
CA ALA B 144 -1.84 -15.35 -22.26
C ALA B 144 -2.39 -15.76 -23.62
N VAL B 145 -2.73 -14.76 -24.43
CA VAL B 145 -3.16 -14.93 -25.82
C VAL B 145 -2.35 -13.97 -26.68
N GLY B 146 -2.16 -14.33 -27.93
CA GLY B 146 -1.47 -13.46 -28.88
C GLY B 146 -0.11 -13.99 -29.31
N ARG B 147 0.63 -13.12 -30.00
CA ARG B 147 1.79 -13.56 -30.76
C ARG B 147 2.88 -14.16 -29.86
N GLN B 148 3.12 -13.56 -28.71
CA GLN B 148 4.18 -14.00 -27.81
C GLN B 148 3.63 -14.76 -26.59
N ALA B 149 2.42 -15.31 -26.68
CA ALA B 149 1.81 -15.98 -25.53
C ALA B 149 2.59 -17.23 -25.13
N ALA B 150 3.03 -18.03 -26.10
CA ALA B 150 3.81 -19.22 -25.76
C ALA B 150 5.15 -18.83 -25.13
N LEU B 151 5.82 -17.83 -25.70
CA LEU B 151 7.08 -17.36 -25.12
CA LEU B 151 7.08 -17.35 -25.13
C LEU B 151 6.90 -16.94 -23.67
N LEU B 152 5.89 -16.13 -23.38
CA LEU B 152 5.73 -15.60 -22.03
C LEU B 152 5.44 -16.71 -21.03
N THR B 153 4.66 -17.70 -21.41
CA THR B 153 4.19 -18.73 -20.46
C THR B 153 5.08 -19.96 -20.43
N ALA B 154 6.09 -20.04 -21.29
CA ALA B 154 6.90 -21.25 -21.38
C ALA B 154 7.85 -21.38 -20.19
N ASN B 155 8.05 -22.62 -19.75
CA ASN B 155 9.14 -22.96 -18.83
C ASN B 155 9.11 -22.11 -17.57
N HIS B 156 7.91 -21.98 -17.00
CA HIS B 156 7.71 -21.23 -15.76
C HIS B 156 8.12 -22.13 -14.61
N ALA B 157 9.24 -21.79 -13.95
CA ALA B 157 9.78 -22.67 -12.94
C ALA B 157 8.84 -22.76 -11.72
N LEU B 158 8.82 -23.93 -11.08
CA LEU B 158 7.95 -24.13 -9.92
C LEU B 158 8.45 -23.35 -8.71
N ASP B 159 9.77 -23.31 -8.50
CA ASP B 159 10.34 -22.54 -7.41
C ASP B 159 10.63 -21.13 -7.86
N TYR B 160 10.41 -20.17 -6.95
CA TYR B 160 10.64 -18.75 -7.23
C TYR B 160 9.93 -18.32 -8.50
N GLY B 161 8.59 -18.48 -8.46
CA GLY B 161 7.71 -18.27 -9.60
C GLY B 161 7.57 -16.83 -10.06
N TYR B 162 8.13 -15.86 -9.34
CA TYR B 162 8.15 -14.48 -9.80
C TYR B 162 9.58 -14.03 -10.13
N GLY B 163 10.50 -14.98 -10.31
CA GLY B 163 11.92 -14.70 -10.45
C GLY B 163 12.40 -14.72 -11.89
N VAL B 164 13.61 -15.25 -12.09
CA VAL B 164 14.29 -15.14 -13.38
C VAL B 164 13.64 -16.03 -14.44
N GLU B 165 13.03 -17.15 -14.03
CA GLU B 165 12.41 -18.06 -14.99
C GLU B 165 10.89 -17.95 -14.87
N SER B 166 10.37 -16.76 -15.14
CA SER B 166 8.96 -16.47 -14.93
C SER B 166 8.44 -15.64 -16.08
N PRO B 167 7.14 -15.60 -16.28
CA PRO B 167 6.57 -14.74 -17.33
C PRO B 167 6.84 -13.27 -17.07
N LEU B 168 7.01 -12.87 -15.81
CA LEU B 168 7.29 -11.47 -15.48
C LEU B 168 8.69 -11.08 -15.96
N ALA B 169 9.66 -11.97 -15.80
CA ALA B 169 10.99 -11.69 -16.33
C ALA B 169 10.95 -11.55 -17.84
N LYS B 170 10.16 -12.41 -18.51
CA LYS B 170 10.07 -12.34 -19.96
C LYS B 170 9.34 -11.08 -20.40
N LEU B 171 8.30 -10.67 -19.65
CA LEU B 171 7.59 -9.43 -19.98
C LEU B 171 8.54 -8.23 -19.94
N VAL B 172 9.39 -8.16 -18.91
CA VAL B 172 10.41 -7.11 -18.87
C VAL B 172 11.37 -7.21 -20.04
N ALA B 173 11.80 -8.42 -20.38
CA ALA B 173 12.80 -8.59 -21.44
C ALA B 173 12.26 -8.20 -22.82
N ILE B 174 10.96 -8.37 -23.05
CA ILE B 174 10.39 -8.01 -24.35
C ILE B 174 9.82 -6.60 -24.31
N GLU B 175 10.15 -5.84 -23.26
CA GLU B 175 9.73 -4.43 -23.14
C GLU B 175 8.20 -4.29 -23.19
N GLY B 176 7.54 -5.10 -22.37
CA GLY B 176 6.10 -5.09 -22.26
C GLY B 176 5.60 -4.03 -21.32
N TYR B 177 4.29 -4.07 -21.07
CA TYR B 177 3.58 -3.04 -20.34
C TYR B 177 2.65 -3.70 -19.34
N VAL B 178 2.27 -2.93 -18.34
CA VAL B 178 1.24 -3.31 -17.37
C VAL B 178 0.12 -2.31 -17.50
N LEU B 179 -1.10 -2.81 -17.65
CA LEU B 179 -2.30 -2.00 -17.75
C LEU B 179 -3.17 -2.23 -16.52
N MET B 180 -3.34 -1.21 -15.70
CA MET B 180 -4.33 -1.18 -14.62
C MET B 180 -5.65 -0.63 -15.11
N LEU B 181 -6.68 -1.45 -15.09
CA LEU B 181 -7.99 -1.06 -15.59
C LEU B 181 -8.97 -1.08 -14.42
N GLY B 182 -9.01 0.00 -13.66
CA GLY B 182 -9.81 0.08 -12.45
C GLY B 182 -9.32 -0.78 -11.31
N ALA B 183 -8.23 -1.51 -11.49
CA ALA B 183 -7.68 -2.38 -10.46
C ALA B 183 -6.82 -1.56 -9.51
N PRO B 184 -6.81 -1.92 -8.22
CA PRO B 184 -6.01 -1.16 -7.26
C PRO B 184 -4.52 -1.31 -7.54
N LEU B 185 -3.78 -0.22 -7.38
CA LEU B 185 -2.34 -0.26 -7.63
C LEU B 185 -1.62 -1.28 -6.76
N ASP B 186 -2.19 -1.64 -5.60
CA ASP B 186 -1.56 -2.64 -4.75
C ASP B 186 -1.52 -4.04 -5.37
N THR B 187 -2.26 -4.30 -6.45
CA THR B 187 -2.37 -5.65 -7.01
C THR B 187 -1.43 -5.90 -8.19
N ILE B 188 -0.43 -5.04 -8.40
CA ILE B 188 0.49 -5.20 -9.53
C ILE B 188 1.41 -6.40 -9.28
N THR B 189 1.16 -7.52 -9.99
CA THR B 189 1.97 -8.72 -9.79
C THR B 189 3.44 -8.49 -10.12
N LEU B 190 3.72 -7.65 -11.11
CA LEU B 190 5.10 -7.42 -11.53
C LEU B 190 5.97 -6.97 -10.37
N LEU B 191 5.39 -6.30 -9.37
CA LEU B 191 6.22 -5.82 -8.25
C LEU B 191 6.77 -6.98 -7.42
N HIS B 192 6.18 -8.18 -7.52
CA HIS B 192 6.81 -9.34 -6.87
C HIS B 192 8.10 -9.72 -7.59
N HIS B 193 8.19 -9.43 -8.89
CA HIS B 193 9.44 -9.64 -9.61
C HIS B 193 10.49 -8.63 -9.18
N ALA B 194 10.08 -7.39 -8.89
CA ALA B 194 11.00 -6.41 -8.33
C ALA B 194 11.49 -6.84 -6.95
N GLU B 195 10.58 -7.38 -6.12
CA GLU B 195 11.01 -7.91 -4.82
C GLU B 195 12.05 -9.01 -4.99
N TYR B 196 11.83 -9.91 -5.95
CA TYR B 196 12.80 -10.96 -6.24
C TYR B 196 14.16 -10.38 -6.59
N LEU B 197 14.18 -9.34 -7.42
CA LEU B 197 15.45 -8.80 -7.93
C LEU B 197 16.19 -7.97 -6.89
N ALA B 198 15.46 -7.28 -6.01
CA ALA B 198 16.07 -6.26 -5.16
C ALA B 198 16.99 -6.88 -4.12
N LYS B 199 18.17 -6.28 -3.94
CA LYS B 199 19.06 -6.67 -2.86
C LYS B 199 18.57 -6.00 -1.58
N MET B 200 17.82 -6.74 -0.77
CA MET B 200 17.26 -6.21 0.45
C MET B 200 17.88 -6.90 1.66
N ARG B 201 17.71 -6.27 2.83
CA ARG B 201 18.31 -6.79 4.05
C ARG B 201 17.82 -8.20 4.36
N HIS B 202 16.51 -8.43 4.27
CA HIS B 202 15.98 -9.75 4.53
C HIS B 202 14.70 -10.00 3.73
N LYS B 203 14.61 -11.18 3.13
CA LYS B 203 13.38 -11.60 2.45
C LYS B 203 12.89 -12.91 3.05
N ASN B 204 11.58 -13.02 3.24
CA ASN B 204 11.01 -14.22 3.82
C ASN B 204 10.82 -15.30 2.77
N VAL B 205 11.31 -16.50 3.06
CA VAL B 205 11.16 -17.65 2.16
C VAL B 205 10.03 -18.52 2.66
N VAL B 206 9.23 -19.05 1.75
CA VAL B 206 8.20 -20.01 2.13
C VAL B 206 8.46 -21.32 1.40
N ARG B 207 8.05 -22.41 2.04
CA ARG B 207 8.09 -23.73 1.41
C ARG B 207 6.76 -24.38 1.70
N TYR B 208 6.07 -24.80 0.66
CA TYR B 208 4.69 -25.24 0.84
C TYR B 208 4.38 -26.41 -0.08
N PRO B 209 3.43 -27.25 0.31
CA PRO B 209 3.11 -28.42 -0.52
C PRO B 209 2.09 -28.07 -1.60
N CYS B 210 2.16 -28.82 -2.69
CA CYS B 210 1.27 -28.61 -3.85
C CYS B 210 1.18 -29.84 -4.71
N PRO B 211 -0.02 -30.30 -5.07
CA PRO B 211 -0.14 -31.42 -6.00
C PRO B 211 -0.13 -30.93 -7.44
N ILE B 212 0.69 -31.57 -8.28
CA ILE B 212 0.82 -31.24 -9.69
C ILE B 212 0.67 -32.52 -10.50
N LEU B 213 0.63 -32.35 -11.83
CA LEU B 213 0.65 -33.48 -12.75
C LEU B 213 2.07 -33.67 -13.27
N ARG B 214 2.55 -34.91 -13.19
CA ARG B 214 3.86 -35.29 -13.70
C ARG B 214 3.69 -36.60 -14.46
N ASP B 215 3.91 -36.56 -15.77
CA ASP B 215 3.67 -37.71 -16.64
C ASP B 215 2.25 -38.24 -16.49
N GLY B 216 1.30 -37.31 -16.35
CA GLY B 216 -0.11 -37.66 -16.25
C GLY B 216 -0.56 -38.17 -14.90
N ARG B 217 0.32 -38.20 -13.90
CA ARG B 217 -0.03 -38.68 -12.57
C ARG B 217 0.07 -37.55 -11.56
N LYS B 218 -0.81 -37.61 -10.55
CA LYS B 218 -0.74 -36.67 -9.44
C LYS B 218 0.51 -36.93 -8.60
N VAL B 219 1.28 -35.88 -8.36
CA VAL B 219 2.42 -35.94 -7.46
C VAL B 219 2.39 -34.70 -6.57
N TRP B 220 2.57 -34.89 -5.27
CA TRP B 220 2.70 -33.77 -4.34
C TRP B 220 4.17 -33.37 -4.24
N VAL B 221 4.45 -32.08 -4.44
CA VAL B 221 5.80 -31.57 -4.37
C VAL B 221 5.88 -30.43 -3.36
N THR B 222 7.10 -30.08 -2.97
CA THR B 222 7.37 -28.90 -2.16
C THR B 222 7.82 -27.77 -3.06
N VAL B 223 7.12 -26.64 -2.99
CA VAL B 223 7.45 -25.43 -3.73
C VAL B 223 8.18 -24.48 -2.78
N GLU B 224 9.28 -23.90 -3.24
CA GLU B 224 9.99 -22.85 -2.51
C GLU B 224 9.86 -21.54 -3.26
N ASP B 225 9.62 -20.46 -2.52
CA ASP B 225 9.42 -19.15 -3.13
C ASP B 225 9.66 -18.10 -2.06
N TYR B 226 9.74 -16.85 -2.50
CA TYR B 226 9.62 -15.75 -1.56
C TYR B 226 8.15 -15.59 -1.21
N ASP B 227 7.88 -15.27 0.05
CA ASP B 227 6.53 -14.92 0.47
C ASP B 227 6.00 -13.82 -0.44
N THR B 228 4.79 -14.01 -0.97
CA THR B 228 4.11 -12.97 -1.72
C THR B 228 2.83 -12.52 -1.05
N GLY B 229 2.55 -12.99 0.16
CA GLY B 229 1.36 -12.60 0.89
C GLY B 229 1.55 -11.36 1.73
N ASP B 230 2.78 -11.11 2.14
CA ASP B 230 3.14 -9.95 2.96
C ASP B 230 4.45 -9.39 2.43
N PRO B 231 4.69 -8.11 2.64
CA PRO B 231 5.96 -7.52 2.20
C PRO B 231 7.11 -8.03 3.05
N HIS B 232 8.32 -7.88 2.51
CA HIS B 232 9.53 -8.29 3.20
C HIS B 232 10.08 -7.23 4.13
N ASP B 233 9.50 -6.04 4.14
CA ASP B 233 9.96 -4.94 4.97
C ASP B 233 8.81 -3.95 5.05
N ASP B 234 9.10 -2.73 5.50
CA ASP B 234 8.05 -1.77 5.83
C ASP B 234 7.65 -0.96 4.59
N TYR B 235 6.95 -1.64 3.69
CA TYR B 235 6.47 -1.00 2.47
C TYR B 235 5.18 -1.68 2.04
N SER B 236 4.49 -1.03 1.10
CA SER B 236 3.36 -1.62 0.40
C SER B 236 3.54 -1.34 -1.09
N PHE B 237 2.97 -2.23 -1.92
CA PHE B 237 2.99 -2.00 -3.37
C PHE B 237 2.25 -0.71 -3.73
N GLU B 238 1.16 -0.39 -3.02
CA GLU B 238 0.44 0.85 -3.30
C GLU B 238 1.36 2.06 -3.09
N GLN B 239 2.18 2.02 -2.05
CA GLN B 239 3.12 3.12 -1.79
C GLN B 239 4.13 3.24 -2.94
N ILE B 240 4.69 2.12 -3.39
CA ILE B 240 5.67 2.14 -4.47
C ILE B 240 5.04 2.66 -5.75
N ALA B 241 3.87 2.15 -6.10
CA ALA B 241 3.19 2.58 -7.33
C ALA B 241 2.79 4.05 -7.26
N ARG B 242 2.26 4.51 -6.11
CA ARG B 242 1.94 5.93 -5.96
C ARG B 242 3.18 6.81 -6.12
N ASP B 243 4.32 6.38 -5.59
CA ASP B 243 5.54 7.15 -5.77
C ASP B 243 5.98 7.16 -7.23
N TYR B 244 5.79 6.05 -7.93
CA TYR B 244 6.15 5.98 -9.34
C TYR B 244 5.32 6.96 -10.16
N VAL B 245 4.00 6.94 -9.95
CA VAL B 245 3.10 7.86 -10.65
C VAL B 245 3.47 9.31 -10.30
N ALA B 246 3.83 9.56 -9.04
CA ALA B 246 4.07 10.94 -8.61
C ALA B 246 5.29 11.56 -9.29
N GLN B 247 6.30 10.74 -9.59
CA GLN B 247 7.49 11.22 -10.31
C GLN B 247 7.34 11.09 -11.82
N GLY B 248 6.11 10.98 -12.32
CA GLY B 248 5.87 11.00 -13.74
C GLY B 248 5.80 9.65 -14.42
N GLY B 249 5.79 8.56 -13.66
CA GLY B 249 5.79 7.23 -14.27
C GLY B 249 4.45 6.90 -14.90
N GLY B 250 4.47 6.43 -16.15
CA GLY B 250 3.27 5.92 -16.80
C GLY B 250 2.36 6.98 -17.37
N THR B 251 1.25 6.50 -17.98
CA THR B 251 0.17 7.37 -18.43
C THR B 251 -1.11 6.99 -17.69
N ARG B 252 -2.04 7.93 -17.64
CA ARG B 252 -3.31 7.73 -16.94
C ARG B 252 -4.44 8.24 -17.82
N GLY B 253 -5.59 7.58 -17.71
CA GLY B 253 -6.75 8.00 -18.48
C GLY B 253 -7.94 7.15 -18.10
N LYS B 254 -9.08 7.51 -18.67
CA LYS B 254 -10.31 6.77 -18.42
C LYS B 254 -10.56 5.74 -19.51
N VAL B 255 -10.99 4.56 -19.11
CA VAL B 255 -11.46 3.53 -20.04
C VAL B 255 -12.81 3.07 -19.51
N GLY B 256 -13.85 3.34 -20.26
CA GLY B 256 -15.20 3.16 -19.73
C GLY B 256 -15.36 4.07 -18.52
N ASP B 257 -15.82 3.50 -17.41
CA ASP B 257 -15.96 4.24 -16.17
C ASP B 257 -14.72 4.16 -15.28
N ALA B 258 -13.69 3.43 -15.70
CA ALA B 258 -12.57 3.08 -14.84
C ALA B 258 -11.39 4.03 -15.00
N ASP B 259 -10.76 4.36 -13.88
CA ASP B 259 -9.45 5.01 -13.91
C ASP B 259 -8.41 3.99 -14.35
N ALA B 260 -7.67 4.31 -15.41
CA ALA B 260 -6.68 3.40 -15.96
C ALA B 260 -5.27 3.98 -15.87
N TYR B 261 -4.29 3.10 -15.69
CA TYR B 261 -2.88 3.44 -15.74
C TYR B 261 -2.17 2.50 -16.70
N LEU B 262 -1.18 3.01 -17.43
CA LEU B 262 -0.38 2.20 -18.32
C LEU B 262 1.09 2.44 -17.99
N PHE B 263 1.79 1.38 -17.62
CA PHE B 263 3.18 1.47 -17.19
C PHE B 263 4.07 0.61 -18.09
N ALA B 264 5.26 1.09 -18.40
CA ALA B 264 6.25 0.25 -19.05
C ALA B 264 6.86 -0.71 -18.02
N ALA B 265 6.84 -2.01 -18.33
CA ALA B 265 7.32 -3.02 -17.38
C ALA B 265 8.79 -2.81 -17.01
N GLN B 266 9.63 -2.48 -17.99
CA GLN B 266 11.05 -2.32 -17.71
C GLN B 266 11.29 -1.15 -16.77
N ASP B 267 10.68 0.00 -17.07
CA ASP B 267 10.92 1.19 -16.24
C ASP B 267 10.33 1.04 -14.84
N LEU B 268 9.14 0.46 -14.72
CA LEU B 268 8.54 0.26 -13.41
C LEU B 268 9.39 -0.68 -12.57
N THR B 269 9.88 -1.76 -13.18
CA THR B 269 10.70 -2.72 -12.44
C THR B 269 11.98 -2.05 -11.96
N ARG B 270 12.65 -1.32 -12.85
CA ARG B 270 13.87 -0.60 -12.45
C ARG B 270 13.58 0.37 -11.31
N PHE B 271 12.50 1.14 -11.43
CA PHE B 271 12.14 2.10 -10.38
C PHE B 271 11.90 1.39 -9.05
N ALA B 272 11.15 0.29 -9.09
CA ALA B 272 10.78 -0.41 -7.86
C ALA B 272 11.97 -1.06 -7.19
N VAL B 273 12.89 -1.67 -7.97
CA VAL B 273 14.11 -2.23 -7.42
C VAL B 273 14.92 -1.15 -6.68
N GLN B 274 15.12 -0.01 -7.35
CA GLN B 274 15.87 1.08 -6.71
C GLN B 274 15.14 1.62 -5.48
N TRP B 275 13.81 1.64 -5.54
CA TRP B 275 13.03 2.14 -4.42
C TRP B 275 13.24 1.24 -3.20
N LEU B 276 13.17 -0.08 -3.41
CA LEU B 276 13.38 -1.03 -2.32
C LEU B 276 14.83 -1.00 -1.82
N GLU B 277 15.80 -0.94 -2.75
CA GLU B 277 17.19 -1.03 -2.34
C GLU B 277 17.64 0.21 -1.56
N SER B 278 17.08 1.37 -1.89
CA SER B 278 17.50 2.59 -1.21
C SER B 278 16.95 2.64 0.21
N ARG B 279 15.84 1.96 0.47
CA ARG B 279 15.20 2.01 1.78
C ARG B 279 15.50 0.81 2.66
N PHE B 280 15.68 -0.37 2.06
CA PHE B 280 15.76 -1.62 2.79
C PHE B 280 16.99 -2.45 2.44
N GLY B 281 17.98 -1.85 1.79
CA GLY B 281 19.19 -2.56 1.48
C GLY B 281 20.02 -2.82 2.74
N ASP B 282 20.98 -3.73 2.60
CA ASP B 282 21.93 -4.05 3.65
C ASP B 282 23.27 -3.45 3.27
N SER B 283 23.71 -2.44 4.02
CA SER B 283 25.00 -1.82 3.77
C SER B 283 26.17 -2.60 4.37
N ALA B 284 25.91 -3.66 5.12
CA ALA B 284 26.97 -4.45 5.71
C ALA B 284 27.57 -5.41 4.69
N SER B 285 28.87 -5.66 4.82
CA SER B 285 29.57 -6.63 4.01
C SER B 285 29.81 -7.90 4.83
N TYR B 286 29.62 -9.05 4.20
CA TYR B 286 29.75 -10.32 4.89
C TYR B 286 30.82 -11.19 4.24
#